data_4AIU
#
_entry.id   4AIU
#
_cell.length_a   185.550
_cell.length_b   52.030
_cell.length_c   85.900
_cell.angle_alpha   90.00
_cell.angle_beta   99.79
_cell.angle_gamma   90.00
#
_symmetry.space_group_name_H-M   'C 1 2 1'
#
loop_
_entity.id
_entity.type
_entity.pdbx_description
1 polymer 'O-GLCNACASE BT_4395'
2 non-polymer (3AR,5R,6S,7R,7AR)-2,5-BIS(HYDROXYMETHYL)-5,6,7,7A-TETRAHYDRO-3AH-PYRANO[3,2-D][1,3]OXAZOLE-6,7-DIOL
3 non-polymer 'CALCIUM ION'
4 water water
#
_entity_poly.entity_id   1
_entity_poly.type   'polypeptide(L)'
_entity_poly.pdbx_seq_one_letter_code
;MKNNKIYLLGACLLCAVTTFAQNVSLQPPPQQLIVQNKTIDLPAVYQLNGGEEANPHAVKVLKELLSGKQSSKKGMLISI
GEKGDKSVRKYSRQIPDHKEGYYLSVNEKEIVLAGNDERGTYYALQTFAQLLKDGKLPEVEIKDYPSVRYRGVVEGFYGT
PWSHQARLSQLKFYGKNKMNTYIYGPKDDPYHSAPNWRLPYPDKEAAQLQELVAVANENEVDFVWAIHPGQDIKWNKEDR
DLLLAKFEKMYQLGVRSFAVFFNDISGEGTNPQKQAELLNYIDEKFAQVKPDINQLVMCPTEYNKSWSNPNGNYLTTLGD
KLNPSIQIMWTGDRVISDITRDGISWINERIKRPAYIWWNFPVSDYVRDHLLLGPVYGNDTTIAKEMSGFVTNPMEHAES
SKIAIYSVASYAWNPAKYDTWQTWKDAIRTILPSAAEELECFAMHNSDLGPNGHGYRREESMDIQPAAERFLKAFKEGKN
YDKADFETLQYTFERMKESADILLMNTENKPLIVEITPWVHQFKLTAEMGEEVLKMVEGRNESYFLRKYNHVKALQQQMF
YIDQTSNQNPYQPGVKTATRVIKPLIDRTFATVVKFFNQKFNAHLDATTDYMPHKMISNVEQIKNLPLQVKANRVLISPA
NEVVKWAAGNSVEIELDAIYPGENIQINFGKDAPCTWGRLEISTDGKEWKTVDLKQKESRLSAGLQKAPVKFVRFTNVSD
EEQQVYLRQFVLTIEKK
;
_entity_poly.pdbx_strand_id   A
#
# COMPACT_ATOMS: atom_id res chain seq x y z
N SER A 25 3.76 20.85 3.72
CA SER A 25 3.55 19.37 3.89
C SER A 25 4.81 18.58 3.52
N LEU A 26 5.14 17.59 4.35
CA LEU A 26 6.26 16.72 4.09
C LEU A 26 5.81 15.33 4.37
N GLN A 27 6.01 14.43 3.40
CA GLN A 27 5.61 13.03 3.59
C GLN A 27 6.81 12.10 3.30
N PRO A 28 7.14 11.23 4.26
CA PRO A 28 6.60 11.26 5.63
C PRO A 28 7.05 12.53 6.44
N PRO A 29 6.25 12.94 7.47
CA PRO A 29 6.66 14.16 8.24
C PRO A 29 7.90 13.86 9.15
N PRO A 30 8.87 14.76 9.13
CA PRO A 30 10.13 14.54 9.89
C PRO A 30 9.90 14.36 11.40
N GLN A 31 10.91 13.84 12.08
CA GLN A 31 10.79 13.63 13.53
C GLN A 31 10.91 15.01 14.15
N GLN A 32 11.65 15.92 13.49
CA GLN A 32 11.87 17.24 14.05
C GLN A 32 11.93 18.30 13.02
N LEU A 33 11.12 19.31 13.22
CA LEU A 33 11.01 20.34 12.24
C LEU A 33 10.90 21.71 12.90
N ILE A 34 11.84 22.59 12.61
CA ILE A 34 11.72 24.00 13.01
C ILE A 34 11.68 24.90 11.77
N VAL A 35 10.64 25.70 11.64
CA VAL A 35 10.46 26.55 10.47
C VAL A 35 10.52 28.05 10.74
N GLN A 36 11.40 28.76 10.06
CA GLN A 36 11.41 30.21 10.14
C GLN A 36 10.53 30.75 9.05
N ASN A 37 9.70 31.72 9.39
CA ASN A 37 8.79 32.26 8.43
C ASN A 37 9.56 33.12 7.46
N LYS A 38 10.67 32.58 7.00
CA LYS A 38 11.44 33.25 5.98
C LYS A 38 11.56 32.27 4.86
N THR A 39 11.93 32.75 3.70
CA THR A 39 12.08 31.91 2.54
C THR A 39 13.21 32.42 1.67
N ILE A 40 14.13 31.53 1.40
CA ILE A 40 15.32 31.75 0.61
C ILE A 40 15.01 31.39 -0.83
N ASP A 41 15.63 32.07 -1.78
CA ASP A 41 15.57 31.63 -3.17
C ASP A 41 16.52 30.44 -3.35
N LEU A 42 16.14 29.50 -4.21
CA LEU A 42 17.10 28.49 -4.65
C LEU A 42 18.25 29.28 -5.27
N PRO A 43 19.51 29.00 -4.87
CA PRO A 43 20.65 29.84 -5.24
C PRO A 43 20.97 29.91 -6.74
N ALA A 44 20.84 31.10 -7.34
CA ALA A 44 21.22 31.32 -8.75
C ALA A 44 22.68 30.90 -9.05
N VAL A 45 23.61 31.40 -8.23
CA VAL A 45 24.99 30.90 -8.24
C VAL A 45 25.20 30.20 -6.88
N TYR A 46 25.82 29.04 -6.90
CA TYR A 46 26.09 28.29 -5.67
C TYR A 46 27.48 27.66 -5.63
N GLN A 47 27.86 27.15 -4.45
CA GLN A 47 29.09 26.38 -4.30
C GLN A 47 28.83 25.01 -3.67
N LEU A 48 29.12 23.96 -4.44
CA LEU A 48 28.95 22.58 -4.01
C LEU A 48 30.13 21.94 -3.26
N ASN A 49 29.92 21.67 -1.98
CA ASN A 49 30.87 20.96 -1.17
C ASN A 49 30.47 19.51 -0.96
N GLY A 50 31.32 18.58 -1.39
CA GLY A 50 31.15 17.14 -1.09
C GLY A 50 30.61 16.22 -2.19
N GLY A 51 30.47 16.74 -3.40
CA GLY A 51 29.87 16.03 -4.53
C GLY A 51 30.54 14.72 -4.89
N GLU A 52 31.81 14.64 -4.53
CA GLU A 52 32.63 13.54 -4.93
C GLU A 52 32.62 12.46 -3.85
N GLU A 53 32.15 12.82 -2.66
CA GLU A 53 32.32 11.94 -1.52
C GLU A 53 31.03 11.46 -0.91
N ALA A 54 29.96 12.17 -1.20
CA ALA A 54 28.64 11.79 -0.65
C ALA A 54 27.96 10.73 -1.55
N ASN A 55 26.92 10.07 -1.04
CA ASN A 55 26.16 9.06 -1.80
C ASN A 55 25.83 9.52 -3.23
N PRO A 56 26.39 8.82 -4.25
CA PRO A 56 26.18 9.25 -5.70
C PRO A 56 24.69 9.31 -6.11
N HIS A 57 23.84 8.43 -5.53
CA HIS A 57 22.39 8.51 -5.84
C HIS A 57 21.80 9.79 -5.25
N ALA A 58 22.24 10.13 -4.01
CA ALA A 58 21.85 11.40 -3.38
C ALA A 58 22.29 12.60 -4.20
N VAL A 59 23.55 12.62 -4.62
CA VAL A 59 24.17 13.70 -5.42
C VAL A 59 23.52 13.91 -6.79
N LYS A 60 23.11 12.80 -7.42
CA LYS A 60 22.36 12.85 -8.67
C LYS A 60 21.08 13.64 -8.56
N VAL A 61 20.26 13.29 -7.57
CA VAL A 61 19.04 14.01 -7.34
C VAL A 61 19.33 15.49 -7.09
N LEU A 62 20.33 15.77 -6.28
CA LEU A 62 20.63 17.18 -5.99
C LEU A 62 21.02 17.93 -7.26
N LYS A 63 21.94 17.36 -8.04
CA LYS A 63 22.36 18.03 -9.28
C LYS A 63 21.20 18.25 -10.21
N GLU A 64 20.37 17.22 -10.37
CA GLU A 64 19.05 17.30 -10.99
C GLU A 64 18.23 18.49 -10.51
N LEU A 65 18.25 18.75 -9.20
CA LEU A 65 17.44 19.85 -8.66
C LEU A 65 17.93 21.27 -8.95
N LEU A 66 19.08 21.40 -9.59
CA LEU A 66 19.64 22.71 -9.91
C LEU A 66 20.64 22.61 -11.05
N GLY A 75 29.77 31.73 -4.71
CA GLY A 75 28.38 31.90 -4.26
C GLY A 75 27.98 31.04 -3.05
N MET A 76 26.66 30.88 -2.86
CA MET A 76 26.09 30.18 -1.69
C MET A 76 26.61 28.74 -1.52
N LEU A 77 27.00 28.41 -0.30
CA LEU A 77 27.50 27.08 -0.01
C LEU A 77 26.33 26.07 0.18
N ILE A 78 26.40 24.94 -0.54
CA ILE A 78 25.62 23.71 -0.29
C ILE A 78 26.58 22.59 0.11
N SER A 79 26.29 21.95 1.23
CA SER A 79 27.16 20.92 1.77
C SER A 79 26.46 19.57 1.76
N ILE A 80 27.03 18.62 1.05
CA ILE A 80 26.38 17.30 1.02
C ILE A 80 27.39 16.24 1.44
N GLY A 81 26.99 15.31 2.30
CA GLY A 81 27.90 14.24 2.64
C GLY A 81 27.31 13.44 3.75
N GLU A 82 27.99 12.34 4.07
CA GLU A 82 27.66 11.46 5.20
C GLU A 82 28.61 11.81 6.34
N LYS A 83 28.26 11.41 7.55
CA LYS A 83 28.99 11.71 8.74
C LYS A 83 30.33 11.03 8.59
N GLY A 84 31.40 11.76 8.89
CA GLY A 84 32.73 11.26 8.60
C GLY A 84 33.31 11.81 7.31
N ASP A 85 32.49 12.39 6.45
CA ASP A 85 32.96 13.10 5.27
C ASP A 85 33.45 14.50 5.61
N LYS A 86 34.40 15.02 4.82
CA LYS A 86 35.01 16.32 5.13
C LYS A 86 33.97 17.43 5.04
N SER A 87 33.11 17.34 4.01
CA SER A 87 32.14 18.40 3.68
C SER A 87 31.19 18.75 4.83
N VAL A 88 31.00 17.79 5.72
CA VAL A 88 30.01 17.93 6.78
C VAL A 88 30.58 17.80 8.20
N ARG A 89 31.91 17.87 8.32
CA ARG A 89 32.57 17.90 9.62
C ARG A 89 31.93 18.90 10.59
N LYS A 90 31.61 20.10 10.09
CA LYS A 90 31.06 21.13 10.99
C LYS A 90 29.70 20.78 11.59
N TYR A 91 28.93 19.90 10.96
CA TYR A 91 27.55 19.63 11.44
C TYR A 91 27.39 18.28 12.08
N SER A 92 28.52 17.60 12.23
CA SER A 92 28.54 16.24 12.71
C SER A 92 27.79 16.05 14.02
N ARG A 93 27.58 17.11 14.78
CA ARG A 93 26.83 16.94 16.04
C ARG A 93 25.33 17.14 15.86
N GLN A 94 24.96 17.85 14.80
CA GLN A 94 23.57 18.00 14.39
C GLN A 94 22.91 16.65 13.87
N ILE A 95 23.72 15.77 13.24
CA ILE A 95 23.27 14.58 12.50
C ILE A 95 22.73 13.48 13.44
N PRO A 96 21.46 13.07 13.34
CA PRO A 96 21.00 12.04 14.33
C PRO A 96 21.77 10.74 14.23
N ASP A 97 22.05 10.16 15.39
CA ASP A 97 22.82 8.90 15.48
C ASP A 97 21.83 7.72 15.36
N HIS A 98 21.16 7.64 14.23
CA HIS A 98 20.22 6.54 13.94
C HIS A 98 20.50 6.04 12.53
N LYS A 99 20.44 4.72 12.32
CA LYS A 99 20.40 4.21 10.93
C LYS A 99 19.38 4.99 10.01
N GLU A 100 19.88 5.55 8.91
CA GLU A 100 19.08 6.26 7.90
C GLU A 100 18.68 7.70 8.31
N GLY A 101 19.30 8.19 9.39
CA GLY A 101 19.02 9.52 9.91
C GLY A 101 19.69 10.55 9.04
N TYR A 102 19.25 11.79 9.12
CA TYR A 102 19.94 12.87 8.40
C TYR A 102 19.66 14.21 9.09
N TYR A 103 20.44 15.23 8.71
CA TYR A 103 20.21 16.57 9.17
C TYR A 103 20.03 17.43 7.95
N LEU A 104 19.00 18.24 7.94
CA LEU A 104 18.87 19.18 6.84
C LEU A 104 18.63 20.61 7.32
N SER A 105 19.37 21.54 6.71
CA SER A 105 19.26 22.94 7.06
C SER A 105 19.26 23.81 5.82
N VAL A 106 18.35 24.78 5.82
CA VAL A 106 18.34 25.90 4.87
C VAL A 106 18.24 27.24 5.62
N ASN A 107 19.10 28.17 5.22
CA ASN A 107 19.02 29.60 5.62
C ASN A 107 19.74 30.44 4.58
N GLU A 108 19.85 31.74 4.84
CA GLU A 108 20.40 32.69 3.88
C GLU A 108 21.77 32.30 3.34
N LYS A 109 22.69 31.97 4.23
CA LYS A 109 24.09 31.73 3.81
C LYS A 109 24.41 30.33 3.24
N GLU A 110 23.90 29.27 3.89
CA GLU A 110 24.21 27.91 3.45
C GLU A 110 23.06 26.85 3.43
N ILE A 111 23.27 25.79 2.64
CA ILE A 111 22.44 24.56 2.72
C ILE A 111 23.19 23.31 3.18
N VAL A 112 22.61 22.60 4.14
CA VAL A 112 23.19 21.35 4.61
C VAL A 112 22.27 20.12 4.43
N LEU A 113 22.84 19.08 3.81
CA LEU A 113 22.19 17.77 3.54
C LEU A 113 23.23 16.77 3.94
N ALA A 114 23.08 16.25 5.15
CA ALA A 114 24.08 15.45 5.83
C ALA A 114 23.47 14.21 6.42
N GLY A 115 23.81 13.02 5.93
CA GLY A 115 23.22 11.81 6.53
C GLY A 115 24.06 11.16 7.61
N ASN A 116 23.43 10.38 8.47
CA ASN A 116 24.17 9.51 9.32
C ASN A 116 24.90 8.40 8.57
N ASP A 117 24.34 7.99 7.44
CA ASP A 117 24.94 6.99 6.55
C ASP A 117 24.51 7.41 5.14
N GLU A 118 24.88 6.64 4.11
CA GLU A 118 24.50 6.98 2.75
C GLU A 118 22.99 7.01 2.49
N ARG A 119 22.25 6.10 3.11
CA ARG A 119 20.81 6.09 2.83
C ARG A 119 20.20 7.36 3.46
N GLY A 120 20.65 7.70 4.67
CA GLY A 120 20.35 8.99 5.27
C GLY A 120 20.54 10.17 4.35
N THR A 121 21.64 10.24 3.61
CA THR A 121 21.83 11.41 2.72
C THR A 121 20.84 11.43 1.57
N TYR A 122 20.50 10.24 1.07
CA TYR A 122 19.48 10.07 0.06
C TYR A 122 18.13 10.58 0.60
N TYR A 123 17.76 10.10 1.76
CA TYR A 123 16.58 10.59 2.41
C TYR A 123 16.56 12.11 2.66
N ALA A 124 17.70 12.65 3.07
CA ALA A 124 17.81 14.09 3.28
C ALA A 124 17.32 14.81 2.03
N LEU A 125 17.67 14.27 0.87
CA LEU A 125 17.34 14.92 -0.40
C LEU A 125 15.91 14.64 -0.88
N GLN A 126 15.33 13.55 -0.43
CA GLN A 126 13.93 13.28 -0.72
C GLN A 126 13.09 14.35 -0.03
N THR A 127 13.50 14.70 1.19
CA THR A 127 12.86 15.81 1.92
C THR A 127 13.18 17.13 1.23
N PHE A 128 14.41 17.30 0.82
CA PHE A 128 14.75 18.55 0.16
C PHE A 128 13.78 18.86 -1.01
N ALA A 129 13.61 17.89 -1.92
CA ALA A 129 12.84 18.08 -3.17
C ALA A 129 11.38 18.47 -2.93
N GLN A 130 10.81 17.98 -1.83
CA GLN A 130 9.49 18.39 -1.38
C GLN A 130 9.41 19.83 -0.84
N LEU A 131 10.53 20.49 -0.49
CA LEU A 131 10.51 21.88 0.03
C LEU A 131 10.63 22.90 -1.11
N LEU A 132 11.43 22.54 -2.08
CA LEU A 132 11.69 23.41 -3.23
C LEU A 132 10.39 23.64 -3.97
N LYS A 133 9.84 24.84 -3.85
CA LYS A 133 8.59 25.22 -4.53
C LYS A 133 8.73 26.54 -5.31
N ASP A 134 8.57 26.44 -6.63
CA ASP A 134 8.79 27.55 -7.58
C ASP A 134 10.22 28.11 -7.61
N GLY A 135 11.20 27.27 -7.31
CA GLY A 135 12.58 27.74 -7.13
C GLY A 135 12.76 28.54 -5.84
N LYS A 136 11.93 28.23 -4.83
CA LYS A 136 12.03 28.86 -3.51
C LYS A 136 11.97 27.81 -2.39
N LEU A 137 12.59 28.10 -1.25
CA LEU A 137 12.65 27.17 -0.12
C LEU A 137 12.26 27.91 1.12
N PRO A 138 11.63 27.21 2.07
CA PRO A 138 11.47 27.84 3.36
C PRO A 138 12.78 27.71 4.13
N GLU A 139 13.01 28.61 5.07
CA GLU A 139 14.19 28.48 5.91
C GLU A 139 13.81 27.52 7.04
N VAL A 140 14.48 26.35 7.11
CA VAL A 140 14.15 25.32 8.14
C VAL A 140 15.37 24.62 8.68
N GLU A 141 15.13 23.80 9.68
CA GLU A 141 16.13 22.91 10.14
C GLU A 141 15.39 21.63 10.55
N ILE A 142 15.95 20.48 10.14
CA ILE A 142 15.23 19.20 10.30
C ILE A 142 16.16 18.15 10.86
N LYS A 143 15.72 17.42 11.87
CA LYS A 143 16.51 16.28 12.28
C LYS A 143 15.54 15.16 12.08
N ASP A 144 15.94 14.12 11.34
CA ASP A 144 14.96 13.10 10.92
C ASP A 144 15.54 11.70 10.89
N TYR A 145 14.67 10.71 11.08
CA TYR A 145 15.09 9.31 11.09
C TYR A 145 13.81 8.44 11.26
N PRO A 146 13.88 7.15 10.82
CA PRO A 146 12.68 6.33 10.84
C PRO A 146 12.48 5.70 12.19
N SER A 147 11.23 5.57 12.62
CA SER A 147 10.90 4.80 13.86
C SER A 147 10.84 3.31 13.70
N VAL A 148 10.71 2.82 12.46
CA VAL A 148 10.70 1.37 12.25
C VAL A 148 11.81 1.04 11.28
N ARG A 149 12.52 -0.05 11.54
CA ARG A 149 13.78 -0.27 10.88
C ARG A 149 13.58 -0.62 9.37
N TYR A 150 12.57 -1.46 9.08
CA TYR A 150 12.26 -1.93 7.71
C TYR A 150 10.85 -1.55 7.35
N ARG A 151 10.72 -0.86 6.22
CA ARG A 151 9.46 -0.24 5.80
C ARG A 151 9.30 -0.48 4.30
N GLY A 152 8.20 -1.11 3.89
CA GLY A 152 7.97 -1.33 2.47
C GLY A 152 6.82 -2.20 2.04
N VAL A 153 7.02 -2.90 0.91
CA VAL A 153 6.00 -3.65 0.28
C VAL A 153 6.41 -5.09 0.12
N VAL A 154 5.52 -6.02 0.47
CA VAL A 154 5.70 -7.40 0.03
C VAL A 154 4.76 -7.71 -1.12
N GLU A 155 5.32 -7.97 -2.30
CA GLU A 155 4.44 -8.38 -3.44
C GLU A 155 4.10 -9.83 -3.20
N GLY A 156 3.17 -10.12 -2.31
CA GLY A 156 2.91 -11.49 -1.93
C GLY A 156 1.48 -12.00 -2.04
N PHE A 157 0.64 -11.32 -2.83
CA PHE A 157 -0.76 -11.75 -3.08
C PHE A 157 -0.85 -12.95 -4.10
N TYR A 158 -2.05 -13.55 -4.18
CA TYR A 158 -2.49 -14.50 -5.27
C TYR A 158 -3.04 -13.74 -6.43
N GLY A 159 -2.67 -14.14 -7.66
CA GLY A 159 -3.17 -13.46 -8.87
C GLY A 159 -2.05 -13.07 -9.78
N THR A 160 -2.35 -12.29 -10.79
CA THR A 160 -1.41 -11.82 -11.77
C THR A 160 -0.36 -10.88 -11.17
N PRO A 161 0.91 -11.33 -11.19
CA PRO A 161 2.00 -10.62 -10.56
C PRO A 161 2.18 -9.32 -11.31
N TRP A 162 2.76 -8.34 -10.65
CA TRP A 162 2.85 -7.05 -11.21
C TRP A 162 3.67 -7.22 -12.45
N SER A 163 3.38 -6.44 -13.46
CA SER A 163 4.26 -6.44 -14.60
C SER A 163 5.60 -5.77 -14.28
N HIS A 164 6.57 -6.09 -15.12
CA HIS A 164 7.86 -5.48 -15.11
C HIS A 164 7.88 -3.96 -15.05
N GLN A 165 7.09 -3.29 -15.88
CA GLN A 165 7.04 -1.84 -15.83
C GLN A 165 6.36 -1.35 -14.56
N ALA A 166 5.39 -2.10 -14.06
CA ALA A 166 4.72 -1.71 -12.87
C ALA A 166 5.77 -1.75 -11.75
N ARG A 167 6.63 -2.79 -11.73
CA ARG A 167 7.67 -2.85 -10.68
C ARG A 167 8.70 -1.73 -10.80
N LEU A 168 9.19 -1.39 -12.02
CA LEU A 168 10.14 -0.29 -12.11
C LEU A 168 9.55 0.94 -11.43
N SER A 169 8.27 1.16 -11.67
CA SER A 169 7.70 2.44 -11.26
C SER A 169 7.45 2.41 -9.74
N GLN A 170 7.10 1.24 -9.20
CA GLN A 170 7.00 1.11 -7.76
C GLN A 170 8.32 1.48 -7.04
N LEU A 171 9.46 1.12 -7.65
CA LEU A 171 10.67 1.22 -6.90
C LEU A 171 11.08 2.70 -6.82
N LYS A 172 10.75 3.49 -7.82
CA LYS A 172 11.08 4.91 -7.74
C LYS A 172 10.21 5.51 -6.65
N PHE A 173 8.94 5.08 -6.63
CA PHE A 173 7.97 5.50 -5.65
C PHE A 173 8.43 5.19 -4.23
N TYR A 174 9.00 4.01 -3.99
CA TYR A 174 9.36 3.65 -2.61
C TYR A 174 10.48 4.58 -2.15
N GLY A 175 11.38 4.91 -3.07
CA GLY A 175 12.53 5.68 -2.73
C GLY A 175 12.14 7.07 -2.30
N LYS A 176 11.20 7.67 -3.02
CA LYS A 176 10.65 8.99 -2.68
C LYS A 176 9.95 9.02 -1.34
N ASN A 177 9.46 7.89 -0.88
CA ASN A 177 8.70 7.87 0.39
C ASN A 177 9.50 7.16 1.45
N LYS A 178 10.81 6.95 1.14
CA LYS A 178 11.73 6.43 2.15
C LYS A 178 11.29 5.03 2.60
N MET A 179 10.71 4.26 1.70
CA MET A 179 10.52 2.84 1.91
C MET A 179 11.79 2.11 1.47
N ASN A 180 12.27 1.24 2.31
CA ASN A 180 13.57 0.63 2.05
C ASN A 180 13.56 -0.89 1.79
N THR A 181 12.36 -1.46 1.70
CA THR A 181 12.14 -2.89 1.55
C THR A 181 11.10 -3.17 0.48
N TYR A 182 11.49 -4.11 -0.39
CA TYR A 182 10.63 -4.67 -1.42
C TYR A 182 10.83 -6.16 -1.35
N ILE A 183 9.83 -6.89 -0.91
CA ILE A 183 9.91 -8.31 -0.86
C ILE A 183 9.19 -8.96 -2.01
N TYR A 184 9.97 -9.49 -2.94
CA TYR A 184 9.49 -10.14 -4.15
C TYR A 184 9.14 -11.57 -3.88
N GLY A 185 7.85 -11.86 -3.91
CA GLY A 185 7.35 -13.17 -3.59
C GLY A 185 5.99 -13.51 -4.16
N PRO A 186 5.79 -13.31 -5.46
CA PRO A 186 4.49 -13.56 -6.06
C PRO A 186 4.04 -15.02 -5.99
N LYS A 187 2.94 -15.29 -5.31
CA LYS A 187 2.37 -16.63 -5.23
C LYS A 187 2.36 -17.45 -6.53
N ASP A 188 2.15 -16.77 -7.66
CA ASP A 188 2.04 -17.45 -8.95
C ASP A 188 3.29 -17.39 -9.85
N ASP A 189 4.47 -17.17 -9.26
CA ASP A 189 5.71 -17.21 -10.04
C ASP A 189 6.42 -18.55 -9.77
N PRO A 190 6.61 -19.33 -10.83
CA PRO A 190 7.00 -20.73 -10.61
C PRO A 190 8.47 -20.92 -10.23
N TYR A 191 9.33 -19.94 -10.52
CA TYR A 191 10.71 -19.95 -10.04
C TYR A 191 10.89 -19.51 -8.57
N HIS A 192 9.77 -19.13 -7.92
CA HIS A 192 9.69 -18.70 -6.52
C HIS A 192 9.04 -19.77 -5.63
N SER A 193 8.15 -20.54 -6.24
CA SER A 193 7.37 -21.57 -5.54
C SER A 193 7.49 -22.91 -6.26
N ALA A 194 6.62 -23.85 -5.85
CA ALA A 194 6.62 -25.25 -6.29
C ALA A 194 6.21 -25.36 -7.75
N PRO A 195 6.91 -26.20 -8.53
CA PRO A 195 8.14 -26.88 -8.12
C PRO A 195 9.43 -26.28 -8.66
N ASN A 196 9.37 -25.23 -9.49
CA ASN A 196 10.61 -24.69 -10.09
C ASN A 196 11.47 -23.75 -9.22
N TRP A 197 11.14 -23.65 -7.93
CA TRP A 197 12.05 -22.95 -7.03
C TRP A 197 13.49 -23.48 -7.09
N ARG A 198 13.64 -24.74 -7.50
CA ARG A 198 14.93 -25.42 -7.61
C ARG A 198 15.74 -24.98 -8.82
N LEU A 199 15.08 -24.37 -9.81
CA LEU A 199 15.71 -23.98 -11.09
C LEU A 199 16.15 -22.55 -11.14
N PRO A 200 17.30 -22.28 -11.75
CA PRO A 200 17.66 -20.86 -11.95
C PRO A 200 16.65 -20.20 -12.90
N TYR A 201 16.33 -18.94 -12.71
CA TYR A 201 15.47 -18.21 -13.65
C TYR A 201 15.98 -18.39 -15.08
N PRO A 202 15.07 -18.45 -16.07
CA PRO A 202 15.62 -18.48 -17.42
C PRO A 202 16.12 -17.08 -17.76
N ASP A 203 16.83 -16.94 -18.86
CA ASP A 203 17.55 -15.72 -19.20
C ASP A 203 16.78 -14.44 -19.31
N LYS A 204 15.58 -14.48 -19.91
CA LYS A 204 14.78 -13.27 -20.00
C LYS A 204 14.39 -12.74 -18.59
N GLU A 205 13.79 -13.59 -17.77
CA GLU A 205 13.41 -13.30 -16.42
C GLU A 205 14.59 -12.84 -15.53
N ALA A 206 15.73 -13.56 -15.62
CA ALA A 206 16.98 -13.20 -14.96
C ALA A 206 17.45 -11.80 -15.33
N ALA A 207 17.47 -11.47 -16.61
CA ALA A 207 17.96 -10.11 -16.99
C ALA A 207 17.00 -9.05 -16.43
N GLN A 208 15.73 -9.41 -16.37
CA GLN A 208 14.73 -8.51 -15.81
C GLN A 208 14.91 -8.30 -14.31
N LEU A 209 15.09 -9.38 -13.54
CA LEU A 209 15.27 -9.29 -12.13
C LEU A 209 16.51 -8.41 -11.87
N GLN A 210 17.57 -8.66 -12.65
CA GLN A 210 18.82 -7.93 -12.57
C GLN A 210 18.59 -6.42 -12.68
N GLU A 211 17.82 -6.00 -13.69
CA GLU A 211 17.36 -4.60 -13.80
C GLU A 211 16.52 -4.16 -12.57
N LEU A 212 15.64 -5.03 -12.05
CA LEU A 212 14.88 -4.60 -10.86
C LEU A 212 15.86 -4.31 -9.72
N VAL A 213 16.87 -5.18 -9.54
CA VAL A 213 17.82 -5.02 -8.45
C VAL A 213 18.60 -3.72 -8.61
N ALA A 214 19.06 -3.46 -9.82
CA ALA A 214 19.74 -2.22 -10.04
C ALA A 214 18.91 -0.98 -9.70
N VAL A 215 17.65 -0.95 -10.14
CA VAL A 215 16.82 0.24 -9.94
C VAL A 215 16.52 0.35 -8.43
N ALA A 216 16.37 -0.78 -7.75
CA ALA A 216 16.20 -0.76 -6.33
C ALA A 216 17.39 -0.04 -5.65
N ASN A 217 18.61 -0.38 -6.10
CA ASN A 217 19.85 0.13 -5.44
C ASN A 217 19.96 1.63 -5.61
N GLU A 218 19.70 2.09 -6.83
CA GLU A 218 19.64 3.50 -7.17
C GLU A 218 18.59 4.32 -6.40
N ASN A 219 17.57 3.64 -5.84
CA ASN A 219 16.48 4.30 -5.09
C ASN A 219 16.56 3.96 -3.66
N GLU A 220 17.64 3.30 -3.29
CA GLU A 220 17.92 2.96 -1.93
C GLU A 220 16.91 2.02 -1.33
N VAL A 221 16.48 1.03 -2.10
CA VAL A 221 15.50 0.04 -1.61
C VAL A 221 16.24 -1.30 -1.56
N ASP A 222 16.15 -2.06 -0.46
CA ASP A 222 16.55 -3.47 -0.45
C ASP A 222 15.56 -4.28 -1.26
N PHE A 223 16.05 -4.89 -2.35
CA PHE A 223 15.30 -5.91 -3.08
C PHE A 223 15.43 -7.20 -2.28
N VAL A 224 14.38 -7.70 -1.63
CA VAL A 224 14.50 -8.96 -0.86
C VAL A 224 13.89 -10.06 -1.70
N TRP A 225 14.67 -11.08 -2.07
CA TRP A 225 14.13 -12.11 -2.99
C TRP A 225 13.68 -13.22 -2.15
N ALA A 226 12.40 -13.52 -2.20
CA ALA A 226 11.82 -14.58 -1.39
C ALA A 226 11.73 -15.87 -2.21
N ILE A 227 11.80 -16.99 -1.51
CA ILE A 227 11.62 -18.29 -2.08
C ILE A 227 10.55 -19.01 -1.21
N HIS A 228 9.72 -19.86 -1.83
CA HIS A 228 8.59 -20.54 -1.18
C HIS A 228 8.68 -22.03 -1.53
N PRO A 229 9.45 -22.79 -0.76
CA PRO A 229 9.77 -24.16 -1.12
C PRO A 229 8.95 -25.23 -0.41
N GLY A 230 8.20 -24.83 0.61
CA GLY A 230 7.67 -25.78 1.56
C GLY A 230 6.56 -26.69 1.08
N GLN A 231 5.92 -26.38 -0.05
CA GLN A 231 4.82 -27.23 -0.55
C GLN A 231 5.31 -28.61 -0.99
N ASP A 232 6.56 -28.70 -1.42
CA ASP A 232 7.08 -29.95 -2.01
C ASP A 232 8.49 -30.22 -1.57
N ILE A 233 9.01 -29.46 -0.62
CA ILE A 233 10.37 -29.65 -0.15
C ILE A 233 10.57 -31.04 0.46
N LYS A 234 11.72 -31.65 0.20
CA LYS A 234 12.09 -32.87 0.91
C LYS A 234 13.12 -32.42 1.92
N TRP A 235 13.06 -32.89 3.16
CA TRP A 235 14.04 -32.44 4.14
C TRP A 235 15.35 -33.24 4.03
N ASN A 236 15.94 -33.26 2.84
CA ASN A 236 17.20 -33.95 2.59
C ASN A 236 18.25 -32.96 2.08
N LYS A 237 19.52 -33.38 2.12
CA LYS A 237 20.63 -32.50 1.73
C LYS A 237 20.49 -32.08 0.28
N GLU A 238 19.94 -32.95 -0.55
CA GLU A 238 19.69 -32.63 -1.96
C GLU A 238 18.85 -31.32 -2.15
N ASP A 239 17.74 -31.20 -1.41
CA ASP A 239 16.86 -30.02 -1.54
C ASP A 239 17.50 -28.81 -0.84
N ARG A 240 18.05 -29.02 0.34
CA ARG A 240 18.81 -27.99 1.03
C ARG A 240 19.91 -27.35 0.14
N ASP A 241 20.57 -28.16 -0.69
CA ASP A 241 21.62 -27.65 -1.58
C ASP A 241 21.06 -26.96 -2.79
N LEU A 242 19.95 -27.47 -3.32
CA LEU A 242 19.37 -26.80 -4.47
C LEU A 242 18.88 -25.42 -4.01
N LEU A 243 18.38 -25.31 -2.77
CA LEU A 243 17.99 -24.00 -2.21
C LEU A 243 19.19 -23.05 -2.13
N LEU A 244 20.27 -23.51 -1.49
CA LEU A 244 21.53 -22.74 -1.49
C LEU A 244 22.00 -22.31 -2.88
N ALA A 245 21.94 -23.22 -3.83
CA ALA A 245 22.40 -22.89 -5.18
C ALA A 245 21.42 -21.93 -5.85
N LYS A 246 20.14 -22.00 -5.45
CA LYS A 246 19.22 -21.01 -5.94
C LYS A 246 19.67 -19.62 -5.39
N PHE A 247 19.90 -19.53 -4.09
CA PHE A 247 20.30 -18.26 -3.50
C PHE A 247 21.56 -17.72 -4.11
N GLU A 248 22.52 -18.63 -4.26
CA GLU A 248 23.80 -18.28 -4.91
C GLU A 248 23.57 -17.64 -6.30
N LYS A 249 22.73 -18.28 -7.14
CA LYS A 249 22.37 -17.71 -8.47
C LYS A 249 21.76 -16.31 -8.36
N MET A 250 20.82 -16.12 -7.41
CA MET A 250 20.22 -14.76 -7.14
C MET A 250 21.24 -13.70 -6.74
N TYR A 251 22.12 -14.08 -5.83
CA TYR A 251 23.33 -13.27 -5.47
C TYR A 251 24.10 -12.80 -6.72
N GLN A 252 24.37 -13.74 -7.65
CA GLN A 252 25.00 -13.35 -8.95
C GLN A 252 24.23 -12.36 -9.76
N LEU A 253 22.90 -12.31 -9.61
CA LEU A 253 22.06 -11.28 -10.24
C LEU A 253 22.07 -9.94 -9.50
N GLY A 254 22.67 -9.90 -8.32
CA GLY A 254 22.73 -8.64 -7.58
C GLY A 254 21.89 -8.64 -6.31
N VAL A 255 21.27 -9.74 -5.94
CA VAL A 255 20.40 -9.69 -4.78
C VAL A 255 21.29 -9.69 -3.55
N ARG A 256 20.93 -8.88 -2.57
CA ARG A 256 21.67 -8.83 -1.33
C ARG A 256 20.76 -9.13 -0.12
N SER A 257 19.44 -9.24 -0.34
CA SER A 257 18.54 -9.71 0.79
C SER A 257 17.64 -10.89 0.44
N PHE A 258 17.33 -11.74 1.42
CA PHE A 258 16.63 -12.98 1.16
C PHE A 258 15.52 -13.27 2.15
N ALA A 259 14.57 -14.10 1.73
CA ALA A 259 13.55 -14.57 2.64
C ALA A 259 13.18 -15.96 2.23
N VAL A 260 12.63 -16.71 3.17
CA VAL A 260 12.12 -18.02 2.87
C VAL A 260 10.73 -18.05 3.43
N PHE A 261 9.74 -18.35 2.58
CA PHE A 261 8.34 -18.21 2.98
C PHE A 261 7.79 -19.59 3.21
N PHE A 262 7.09 -19.77 4.33
CA PHE A 262 6.36 -21.01 4.64
C PHE A 262 4.83 -20.86 4.79
N ASN A 263 4.28 -19.77 4.25
CA ASN A 263 2.84 -19.51 4.43
C ASN A 263 1.92 -20.37 3.53
N ASP A 264 0.80 -20.89 4.08
CA ASP A 264 -0.28 -21.44 3.25
C ASP A 264 0.18 -22.69 2.53
N ILE A 265 0.77 -23.60 3.28
CA ILE A 265 1.21 -24.85 2.68
C ILE A 265 0.70 -25.93 3.57
N SER A 266 0.60 -27.11 3.01
CA SER A 266 0.31 -28.31 3.79
C SER A 266 1.40 -29.34 3.47
N GLY A 267 1.65 -30.19 4.45
CA GLY A 267 2.51 -31.31 4.25
C GLY A 267 3.71 -31.22 5.17
N GLU A 268 4.75 -31.95 4.79
CA GLU A 268 5.94 -32.05 5.60
C GLU A 268 6.69 -30.72 5.74
N GLY A 269 6.53 -29.79 4.80
CA GLY A 269 7.15 -28.47 4.90
C GLY A 269 6.71 -27.57 6.05
N THR A 270 5.75 -28.04 6.84
CA THR A 270 5.19 -27.28 8.00
C THR A 270 5.94 -27.52 9.29
N ASN A 271 6.92 -28.41 9.25
CA ASN A 271 7.66 -28.83 10.44
C ASN A 271 8.48 -27.67 10.96
N PRO A 272 8.19 -27.18 12.17
CA PRO A 272 8.96 -26.01 12.63
C PRO A 272 10.43 -26.32 12.82
N GLN A 273 10.73 -27.50 13.36
CA GLN A 273 12.11 -27.89 13.66
C GLN A 273 12.95 -27.75 12.41
N LYS A 274 12.54 -28.45 11.36
CA LYS A 274 13.19 -28.45 10.05
C LYS A 274 13.36 -27.06 9.43
N GLN A 275 12.44 -26.16 9.73
CA GLN A 275 12.40 -24.82 9.16
C GLN A 275 13.51 -23.96 9.75
N ALA A 276 13.59 -23.97 11.07
CA ALA A 276 14.62 -23.20 11.72
C ALA A 276 15.99 -23.82 11.40
N GLU A 277 16.09 -25.14 11.33
CA GLU A 277 17.34 -25.78 10.91
C GLU A 277 17.82 -25.19 9.59
N LEU A 278 16.92 -25.24 8.61
CA LEU A 278 17.17 -24.76 7.27
C LEU A 278 17.51 -23.27 7.22
N LEU A 279 16.79 -22.44 7.98
CA LEU A 279 17.16 -21.04 8.08
C LEU A 279 18.52 -20.76 8.73
N ASN A 280 18.83 -21.44 9.83
CA ASN A 280 20.14 -21.29 10.43
C ASN A 280 21.23 -21.80 9.53
N TYR A 281 20.97 -22.89 8.84
CA TYR A 281 21.94 -23.38 7.89
C TYR A 281 22.24 -22.33 6.82
N ILE A 282 21.20 -21.65 6.30
CA ILE A 282 21.38 -20.59 5.29
C ILE A 282 22.12 -19.43 5.88
N ASP A 283 21.88 -19.20 7.19
CA ASP A 283 22.52 -18.10 7.88
C ASP A 283 24.01 -18.38 7.96
N GLU A 284 24.31 -19.59 8.40
CA GLU A 284 25.66 -19.98 8.76
C GLU A 284 26.53 -20.18 7.54
N LYS A 285 25.97 -20.72 6.49
CA LYS A 285 26.75 -20.91 5.28
C LYS A 285 26.50 -19.95 4.14
N PHE A 286 25.76 -18.86 4.34
CA PHE A 286 25.46 -17.93 3.25
C PHE A 286 25.43 -16.48 3.67
N ALA A 287 24.49 -16.10 4.49
CA ALA A 287 24.43 -14.72 4.92
C ALA A 287 25.65 -14.31 5.73
N GLN A 288 26.16 -15.23 6.51
CA GLN A 288 27.36 -15.02 7.34
C GLN A 288 28.66 -15.22 6.55
N VAL A 289 28.57 -15.83 5.37
CA VAL A 289 29.73 -16.05 4.53
C VAL A 289 29.97 -15.00 3.42
N LYS A 290 28.90 -14.43 2.88
CA LYS A 290 29.02 -13.38 1.86
C LYS A 290 29.29 -12.04 2.55
N PRO A 291 29.95 -11.11 1.84
CA PRO A 291 30.34 -9.84 2.42
C PRO A 291 29.20 -8.89 2.79
N ASP A 292 28.10 -8.95 2.03
CA ASP A 292 27.21 -7.79 1.92
C ASP A 292 25.72 -8.14 1.96
N ILE A 293 25.40 -9.18 2.69
CA ILE A 293 24.03 -9.56 2.90
C ILE A 293 23.34 -8.76 4.00
N ASN A 294 22.20 -8.16 3.64
CA ASN A 294 21.38 -7.36 4.53
C ASN A 294 20.25 -8.02 5.34
N GLN A 295 19.12 -8.31 4.70
CA GLN A 295 17.99 -8.85 5.49
C GLN A 295 17.93 -10.34 5.17
N LEU A 296 17.61 -11.10 6.19
CA LEU A 296 17.34 -12.52 6.05
C LEU A 296 16.05 -12.68 6.86
N VAL A 297 15.00 -13.16 6.21
CA VAL A 297 13.63 -13.04 6.72
C VAL A 297 12.95 -14.39 6.46
N MET A 298 12.21 -14.88 7.44
CA MET A 298 11.35 -16.02 7.19
C MET A 298 9.88 -15.69 7.48
N CYS A 299 8.99 -16.32 6.73
CA CYS A 299 7.57 -16.19 6.96
C CYS A 299 7.06 -17.55 7.45
N PRO A 300 6.55 -17.59 8.68
CA PRO A 300 6.06 -18.84 9.37
C PRO A 300 4.77 -19.39 8.78
N THR A 301 4.55 -20.68 8.99
CA THR A 301 3.35 -21.35 8.56
C THR A 301 2.15 -20.92 9.38
N GLU A 302 2.29 -20.93 10.71
CA GLU A 302 1.39 -20.24 11.62
C GLU A 302 1.81 -18.77 11.69
N TYR A 303 1.08 -17.89 11.00
CA TYR A 303 1.46 -16.48 10.82
C TYR A 303 0.47 -15.42 11.36
N ASN A 304 -0.58 -15.88 12.00
CA ASN A 304 -1.52 -15.00 12.72
C ASN A 304 -1.97 -15.68 14.02
N LYS A 305 -2.33 -14.91 15.05
CA LYS A 305 -2.76 -15.54 16.33
C LYS A 305 -3.80 -16.64 16.17
N SER A 306 -4.85 -16.31 15.43
CA SER A 306 -5.98 -17.14 15.26
C SER A 306 -5.62 -18.52 14.78
N TRP A 307 -4.55 -18.62 14.00
CA TRP A 307 -4.18 -19.94 13.46
C TRP A 307 -3.08 -20.63 14.29
N SER A 308 -2.58 -19.95 15.31
CA SER A 308 -1.61 -20.62 16.16
C SER A 308 -2.30 -21.41 17.25
N ASN A 309 -1.84 -22.66 17.40
CA ASN A 309 -2.30 -23.56 18.44
C ASN A 309 -1.78 -23.10 19.80
N PRO A 310 -2.68 -22.98 20.82
CA PRO A 310 -2.25 -22.64 22.17
C PRO A 310 -1.34 -23.71 22.82
N ASN A 311 -1.64 -25.00 22.59
CA ASN A 311 -0.89 -26.06 23.29
C ASN A 311 0.28 -26.66 22.50
N GLY A 312 0.28 -26.45 21.17
CA GLY A 312 1.31 -26.95 20.27
C GLY A 312 2.56 -26.08 20.34
N ASN A 313 3.60 -26.47 19.62
CA ASN A 313 4.90 -25.85 19.86
C ASN A 313 5.37 -24.81 18.83
N TYR A 314 4.65 -24.70 17.71
CA TYR A 314 5.18 -24.07 16.52
C TYR A 314 5.98 -22.81 16.80
N LEU A 315 5.39 -21.86 17.52
CA LEU A 315 5.99 -20.55 17.63
C LEU A 315 7.09 -20.41 18.67
N THR A 316 7.02 -21.23 19.72
CA THR A 316 8.11 -21.19 20.71
C THR A 316 9.37 -21.86 20.19
N THR A 317 9.24 -22.96 19.46
CA THR A 317 10.37 -23.52 18.75
C THR A 317 11.11 -22.47 17.92
N LEU A 318 10.37 -21.84 17.00
CA LEU A 318 10.94 -20.81 16.15
C LEU A 318 11.61 -19.72 16.93
N GLY A 319 10.94 -19.26 17.97
CA GLY A 319 11.51 -18.23 18.82
C GLY A 319 12.80 -18.67 19.47
N ASP A 320 12.90 -19.96 19.79
CA ASP A 320 14.03 -20.47 20.56
C ASP A 320 15.23 -20.84 19.72
N LYS A 321 14.98 -21.47 18.57
CA LYS A 321 16.02 -21.93 17.65
C LYS A 321 16.57 -20.91 16.62
N LEU A 322 15.71 -20.09 15.99
CA LEU A 322 16.20 -19.20 14.95
C LEU A 322 17.23 -18.24 15.47
N ASN A 323 18.40 -18.19 14.82
CA ASN A 323 19.40 -17.18 15.15
C ASN A 323 18.72 -15.82 15.33
N PRO A 324 19.12 -15.11 16.38
CA PRO A 324 18.50 -13.83 16.73
C PRO A 324 18.33 -12.87 15.54
N SER A 325 19.31 -12.83 14.65
CA SER A 325 19.30 -11.88 13.53
C SER A 325 18.22 -12.22 12.45
N ILE A 326 17.64 -13.42 12.49
CA ILE A 326 16.63 -13.76 11.48
C ILE A 326 15.23 -13.23 11.84
N GLN A 327 14.67 -12.38 10.96
CA GLN A 327 13.32 -11.80 11.17
C GLN A 327 12.25 -12.86 11.03
N ILE A 328 11.15 -12.65 11.74
CA ILE A 328 9.99 -13.49 11.57
C ILE A 328 8.78 -12.63 11.20
N MET A 329 8.07 -13.05 10.17
CA MET A 329 6.93 -12.27 9.74
C MET A 329 5.68 -12.65 10.47
N TRP A 330 4.78 -11.68 10.63
CA TRP A 330 3.51 -11.87 11.38
C TRP A 330 2.42 -10.97 10.81
N THR A 331 1.20 -11.51 10.62
CA THR A 331 0.04 -10.72 10.05
C THR A 331 -0.94 -10.16 11.09
N GLY A 332 -0.85 -10.62 12.33
CA GLY A 332 -1.62 -10.02 13.44
C GLY A 332 -2.50 -11.09 14.04
N ASP A 333 -3.69 -10.69 14.49
CA ASP A 333 -4.56 -11.62 15.21
C ASP A 333 -5.17 -12.63 14.30
N ARG A 334 -5.38 -12.21 13.04
CA ARG A 334 -6.04 -13.02 11.99
C ARG A 334 -5.30 -12.75 10.68
N VAL A 335 -5.61 -13.50 9.63
CA VAL A 335 -4.99 -13.36 8.35
C VAL A 335 -5.06 -11.91 7.95
N ILE A 336 -6.24 -11.32 8.05
CA ILE A 336 -6.35 -9.88 7.83
C ILE A 336 -6.66 -9.20 9.13
N SER A 337 -5.76 -8.36 9.61
CA SER A 337 -6.04 -7.58 10.76
C SER A 337 -5.13 -6.41 10.97
N ASP A 338 -5.62 -5.45 11.74
CA ASP A 338 -4.84 -4.33 12.18
C ASP A 338 -3.90 -4.68 13.39
N ILE A 339 -2.82 -3.91 13.52
CA ILE A 339 -1.81 -4.25 14.52
C ILE A 339 -2.03 -3.40 15.78
N THR A 340 -2.28 -4.11 16.87
CA THR A 340 -2.54 -3.53 18.22
C THR A 340 -1.41 -3.91 19.24
N ARG A 341 -1.43 -3.22 20.38
CA ARG A 341 -0.49 -3.48 21.48
C ARG A 341 -0.64 -4.84 22.05
N ASP A 342 -1.88 -5.29 22.21
CA ASP A 342 -2.09 -6.61 22.77
C ASP A 342 -1.60 -7.62 21.77
N GLY A 343 -2.02 -7.44 20.51
CA GLY A 343 -1.64 -8.34 19.45
C GLY A 343 -0.12 -8.53 19.32
N ILE A 344 0.65 -7.44 19.32
CA ILE A 344 2.09 -7.52 19.12
C ILE A 344 2.95 -7.91 20.35
N SER A 345 2.49 -7.58 21.57
CA SER A 345 3.13 -8.08 22.79
C SER A 345 2.96 -9.56 22.83
N TRP A 346 1.78 -10.03 22.45
CA TRP A 346 1.49 -11.47 22.43
C TRP A 346 2.49 -12.22 21.56
N ILE A 347 2.70 -11.77 20.34
CA ILE A 347 3.63 -12.43 19.43
C ILE A 347 5.11 -12.25 19.83
N ASN A 348 5.50 -11.04 20.23
CA ASN A 348 6.89 -10.75 20.61
C ASN A 348 7.40 -11.63 21.76
N GLU A 349 6.47 -11.97 22.64
CA GLU A 349 6.73 -12.81 23.78
C GLU A 349 7.06 -14.26 23.35
N ARG A 350 6.46 -14.74 22.26
CA ARG A 350 6.68 -16.15 21.84
C ARG A 350 7.83 -16.36 20.84
N ILE A 351 8.18 -15.33 20.08
CA ILE A 351 9.22 -15.50 19.09
C ILE A 351 10.48 -14.79 19.58
N LYS A 352 10.41 -14.30 20.82
CA LYS A 352 11.55 -13.77 21.52
C LYS A 352 12.25 -12.67 20.73
N ARG A 353 11.57 -12.07 19.76
CA ARG A 353 12.08 -10.86 19.07
C ARG A 353 10.91 -10.00 18.62
N PRO A 354 11.21 -8.78 18.15
CA PRO A 354 10.07 -8.00 17.67
C PRO A 354 9.65 -8.47 16.25
N ALA A 355 8.37 -8.80 16.12
CA ALA A 355 7.70 -9.21 14.89
C ALA A 355 8.00 -8.31 13.69
N TYR A 356 8.16 -8.94 12.53
CA TYR A 356 8.31 -8.18 11.29
C TYR A 356 6.87 -8.23 10.68
N ILE A 357 6.15 -7.12 10.66
CA ILE A 357 4.73 -7.12 10.25
C ILE A 357 4.48 -7.20 8.73
N TRP A 358 3.69 -8.22 8.39
CA TRP A 358 3.12 -8.39 7.05
C TRP A 358 1.61 -7.95 7.17
N TRP A 359 1.30 -6.73 6.81
CA TRP A 359 -0.08 -6.25 6.88
C TRP A 359 -0.87 -6.48 5.58
N ASN A 360 -1.89 -7.31 5.70
CA ASN A 360 -2.67 -7.71 4.56
C ASN A 360 -3.75 -6.72 4.21
N PHE A 361 -3.32 -5.52 3.79
CA PHE A 361 -4.17 -4.49 3.25
C PHE A 361 -3.20 -3.62 2.39
N PRO A 362 -3.64 -3.15 1.22
CA PRO A 362 -4.94 -3.18 0.58
C PRO A 362 -5.15 -4.48 -0.28
N VAL A 363 -4.45 -5.58 0.04
CA VAL A 363 -4.61 -6.81 -0.71
C VAL A 363 -6.08 -7.20 -0.86
N SER A 364 -6.45 -7.66 -2.05
CA SER A 364 -7.86 -7.87 -2.31
C SER A 364 -7.99 -9.15 -3.09
N ASP A 365 -7.03 -10.04 -2.89
CA ASP A 365 -7.04 -11.27 -3.61
C ASP A 365 -8.17 -12.24 -3.19
N TYR A 366 -8.97 -11.85 -2.22
CA TYR A 366 -10.01 -12.70 -1.73
C TYR A 366 -11.31 -11.88 -1.82
N VAL A 367 -11.22 -10.71 -2.47
CA VAL A 367 -12.38 -9.90 -2.79
C VAL A 367 -12.04 -9.21 -4.09
N ARG A 368 -11.76 -10.04 -5.09
CA ARG A 368 -11.16 -9.56 -6.33
C ARG A 368 -12.05 -8.68 -7.16
N ASP A 369 -13.30 -8.52 -6.72
CA ASP A 369 -14.26 -7.67 -7.40
C ASP A 369 -14.39 -6.29 -6.77
N HIS A 370 -13.67 -6.06 -5.66
CA HIS A 370 -13.62 -4.71 -5.05
C HIS A 370 -12.26 -4.13 -5.26
N LEU A 371 -12.23 -2.80 -5.42
CA LEU A 371 -11.00 -2.02 -5.23
C LEU A 371 -10.97 -1.46 -3.76
N LEU A 372 -9.80 -1.53 -3.11
CA LEU A 372 -9.63 -0.94 -1.73
C LEU A 372 -8.79 0.35 -1.77
N LEU A 373 -9.48 1.47 -1.91
CA LEU A 373 -8.80 2.72 -2.20
C LEU A 373 -8.93 3.71 -1.06
N GLY A 374 -9.39 3.20 0.10
CA GLY A 374 -9.57 4.11 1.19
C GLY A 374 -8.29 4.37 1.99
N PRO A 375 -8.38 5.17 3.04
CA PRO A 375 -7.25 5.44 3.98
C PRO A 375 -6.69 4.21 4.74
N VAL A 376 -5.42 4.29 5.18
CA VAL A 376 -4.79 3.23 5.99
C VAL A 376 -5.02 3.68 7.45
N TYR A 377 -5.54 2.80 8.30
CA TYR A 377 -5.90 3.22 9.67
C TYR A 377 -6.06 1.95 10.46
N GLY A 378 -6.23 2.06 11.78
CA GLY A 378 -6.48 0.94 12.64
C GLY A 378 -5.21 0.37 13.25
N ASN A 379 -4.05 0.87 12.82
CA ASN A 379 -2.81 0.31 13.32
C ASN A 379 -2.35 1.19 14.45
N ASP A 380 -2.02 0.57 15.58
CA ASP A 380 -1.60 1.32 16.76
C ASP A 380 -0.38 2.22 16.48
N THR A 381 -0.48 3.50 16.80
CA THR A 381 0.61 4.38 16.54
C THR A 381 1.67 4.46 17.68
N THR A 382 1.53 3.66 18.74
CA THR A 382 2.49 3.83 19.83
C THR A 382 3.58 2.75 19.85
N ILE A 383 3.52 1.77 18.97
CA ILE A 383 4.29 0.52 19.08
C ILE A 383 5.51 0.39 18.11
N ALA A 384 6.05 1.48 17.66
CA ALA A 384 7.23 1.43 16.78
C ALA A 384 8.35 0.49 17.33
N LYS A 385 8.57 0.51 18.65
CA LYS A 385 9.66 -0.25 19.25
C LYS A 385 9.39 -1.72 19.20
N GLU A 386 8.13 -2.11 19.08
CA GLU A 386 7.75 -3.52 19.16
C GLU A 386 7.78 -4.22 17.82
N MET A 387 8.19 -3.52 16.76
CA MET A 387 8.29 -4.17 15.43
C MET A 387 9.60 -3.96 14.74
N SER A 388 10.10 -4.98 14.07
CA SER A 388 11.35 -4.74 13.33
C SER A 388 11.11 -4.28 11.89
N GLY A 389 9.94 -4.58 11.36
CA GLY A 389 9.58 -4.03 10.04
C GLY A 389 8.08 -3.98 9.91
N PHE A 390 7.62 -3.25 8.90
CA PHE A 390 6.19 -3.16 8.57
C PHE A 390 6.13 -3.10 7.05
N VAL A 391 5.61 -4.20 6.49
CA VAL A 391 5.34 -4.30 5.07
C VAL A 391 3.89 -4.44 4.80
N THR A 392 3.44 -3.73 3.75
CA THR A 392 2.12 -3.93 3.14
C THR A 392 2.05 -4.92 1.91
N ASN A 393 1.20 -5.95 2.03
CA ASN A 393 0.72 -6.80 0.93
C ASN A 393 -0.36 -6.03 0.14
N PRO A 394 -0.05 -5.58 -1.09
CA PRO A 394 -0.90 -4.72 -1.87
C PRO A 394 -1.86 -5.44 -2.85
N MET A 395 -2.55 -4.66 -3.71
CA MET A 395 -3.50 -5.34 -4.59
C MET A 395 -2.65 -5.84 -5.75
N GLU A 396 -3.24 -6.69 -6.56
CA GLU A 396 -2.71 -6.93 -7.88
C GLU A 396 -2.76 -5.70 -8.82
N HIS A 397 -3.51 -4.66 -8.45
CA HIS A 397 -3.46 -3.37 -9.23
C HIS A 397 -2.36 -2.48 -8.65
N ALA A 398 -1.16 -2.62 -9.15
CA ALA A 398 0.02 -1.86 -8.69
C ALA A 398 -0.24 -0.39 -8.44
N GLU A 399 -0.61 0.37 -9.48
CA GLU A 399 -0.76 1.83 -9.37
C GLU A 399 -1.81 2.27 -8.35
N SER A 400 -2.94 1.60 -8.30
CA SER A 400 -4.02 1.86 -7.30
C SER A 400 -3.58 1.53 -5.87
N SER A 401 -2.57 0.66 -5.72
CA SER A 401 -2.01 0.37 -4.38
C SER A 401 -1.15 1.51 -3.86
N LYS A 402 -0.81 2.46 -4.74
CA LYS A 402 0.04 3.55 -4.35
C LYS A 402 -0.59 4.43 -3.27
N ILE A 403 -1.94 4.54 -3.21
CA ILE A 403 -2.59 5.31 -2.18
C ILE A 403 -2.27 4.75 -0.78
N ALA A 404 -2.46 3.46 -0.60
CA ALA A 404 -2.17 2.81 0.69
C ALA A 404 -0.67 2.71 0.96
N ILE A 405 0.14 2.63 -0.07
CA ILE A 405 1.54 2.42 0.12
C ILE A 405 2.24 3.67 0.59
N TYR A 406 1.84 4.80 0.05
CA TYR A 406 2.26 6.10 0.49
C TYR A 406 1.94 6.27 1.96
N SER A 407 0.75 5.87 2.34
CA SER A 407 0.27 5.99 3.68
C SER A 407 1.01 5.11 4.62
N VAL A 408 1.15 3.83 4.31
CA VAL A 408 1.97 2.92 5.06
C VAL A 408 3.44 3.46 5.19
N ALA A 409 3.99 4.10 4.15
CA ALA A 409 5.33 4.66 4.23
C ALA A 409 5.38 5.82 5.25
N SER A 410 4.30 6.60 5.29
CA SER A 410 4.20 7.78 6.17
C SER A 410 4.05 7.24 7.59
N TYR A 411 3.28 6.16 7.77
CA TYR A 411 3.04 5.57 9.08
C TYR A 411 4.26 4.88 9.68
N ALA A 412 5.01 4.16 8.84
CA ALA A 412 6.09 3.34 9.38
C ALA A 412 7.27 4.21 9.68
N TRP A 413 7.37 5.33 8.99
CA TRP A 413 8.48 6.19 9.27
C TRP A 413 8.22 7.10 10.50
N ASN A 414 7.01 7.61 10.64
CA ASN A 414 6.64 8.47 11.76
C ASN A 414 5.23 8.18 12.27
N PRO A 415 5.09 7.07 12.99
CA PRO A 415 3.77 6.66 13.51
C PRO A 415 3.20 7.67 14.49
N ALA A 416 4.05 8.29 15.29
CA ALA A 416 3.61 9.25 16.28
C ALA A 416 2.85 10.40 15.64
N LYS A 417 3.33 10.86 14.50
CA LYS A 417 2.66 11.91 13.80
C LYS A 417 1.72 11.34 12.70
N TYR A 418 1.42 10.04 12.68
CA TYR A 418 0.53 9.50 11.61
C TYR A 418 -0.92 10.03 11.59
N ASP A 419 -1.19 10.80 10.53
CA ASP A 419 -2.49 11.44 10.19
C ASP A 419 -3.22 10.72 9.00
N THR A 420 -4.14 9.82 9.35
CA THR A 420 -4.94 9.03 8.38
C THR A 420 -5.44 9.79 7.13
N TRP A 421 -6.39 10.71 7.37
CA TRP A 421 -7.05 11.42 6.33
C TRP A 421 -6.15 12.35 5.57
N GLN A 422 -5.28 13.07 6.26
CA GLN A 422 -4.39 13.99 5.53
C GLN A 422 -3.37 13.23 4.62
N THR A 423 -2.99 12.06 5.06
CA THR A 423 -2.03 11.26 4.31
C THR A 423 -2.73 10.71 3.07
N TRP A 424 -3.93 10.16 3.28
CA TRP A 424 -4.76 9.72 2.16
C TRP A 424 -4.89 10.80 1.09
N LYS A 425 -5.07 12.06 1.48
CA LYS A 425 -5.28 13.09 0.47
C LYS A 425 -4.00 13.49 -0.22
N ASP A 426 -2.90 13.45 0.54
CA ASP A 426 -1.58 13.71 0.04
C ASP A 426 -1.22 12.65 -0.96
N ALA A 427 -1.49 11.39 -0.62
CA ALA A 427 -1.29 10.31 -1.60
C ALA A 427 -1.94 10.55 -2.97
N ILE A 428 -3.20 10.87 -2.95
CA ILE A 428 -4.01 11.08 -4.14
C ILE A 428 -3.46 12.23 -4.94
N ARG A 429 -3.00 13.24 -4.24
CA ARG A 429 -2.57 14.42 -4.94
C ARG A 429 -1.19 14.17 -5.50
N THR A 430 -0.42 13.31 -4.84
CA THR A 430 0.86 12.95 -5.39
C THR A 430 0.67 12.03 -6.58
N ILE A 431 -0.24 11.07 -6.46
CA ILE A 431 -0.46 10.08 -7.52
C ILE A 431 -1.15 10.60 -8.80
N LEU A 432 -1.99 11.64 -8.68
CA LEU A 432 -2.73 12.20 -9.83
C LEU A 432 -3.00 13.69 -9.64
N PRO A 433 -1.93 14.52 -9.68
CA PRO A 433 -2.15 15.95 -9.36
C PRO A 433 -3.25 16.61 -10.20
N SER A 434 -3.44 16.14 -11.42
CA SER A 434 -4.27 16.86 -12.39
C SER A 434 -5.75 16.57 -12.23
N ALA A 435 -6.11 15.60 -11.40
CA ALA A 435 -7.49 15.28 -11.18
C ALA A 435 -7.72 14.69 -9.77
N ALA A 436 -7.20 15.36 -8.76
CA ALA A 436 -7.09 14.82 -7.42
C ALA A 436 -8.43 14.85 -6.71
N GLU A 437 -9.21 15.86 -6.98
CA GLU A 437 -10.51 15.87 -6.35
C GLU A 437 -11.34 14.72 -6.90
N GLU A 438 -11.26 14.51 -8.22
CA GLU A 438 -12.01 13.45 -8.90
C GLU A 438 -11.58 12.11 -8.36
N LEU A 439 -10.24 11.87 -8.28
CA LEU A 439 -9.78 10.63 -7.63
C LEU A 439 -10.22 10.44 -6.19
N GLU A 440 -10.25 11.49 -5.39
CA GLU A 440 -10.79 11.39 -4.02
C GLU A 440 -12.24 11.01 -3.96
N CYS A 441 -13.03 11.68 -4.80
CA CYS A 441 -14.46 11.33 -4.93
C CYS A 441 -14.64 9.85 -5.22
N PHE A 442 -13.94 9.34 -6.20
CA PHE A 442 -14.03 7.90 -6.53
C PHE A 442 -13.56 6.98 -5.44
N ALA A 443 -12.41 7.28 -4.81
CA ALA A 443 -11.83 6.39 -3.79
C ALA A 443 -12.67 6.39 -2.53
N MET A 444 -13.28 7.54 -2.24
CA MET A 444 -14.15 7.68 -1.06
C MET A 444 -15.26 6.66 -1.10
N HIS A 445 -15.74 6.30 -2.29
CA HIS A 445 -16.84 5.34 -2.34
C HIS A 445 -16.34 4.01 -2.85
N ASN A 446 -15.04 3.79 -2.84
CA ASN A 446 -14.48 2.48 -3.11
C ASN A 446 -13.50 2.01 -2.06
N SER A 447 -13.99 1.66 -0.90
CA SER A 447 -13.17 1.43 0.25
C SER A 447 -13.42 0.17 0.92
N ASP A 448 -14.68 -0.22 0.98
CA ASP A 448 -15.09 -1.37 1.73
C ASP A 448 -14.90 -2.63 0.94
N LEU A 449 -14.86 -3.74 1.62
CA LEU A 449 -14.58 -4.99 1.00
C LEU A 449 -15.81 -5.75 0.66
N GLY A 450 -16.91 -5.33 1.26
CA GLY A 450 -18.11 -6.13 1.32
C GLY A 450 -17.87 -7.38 2.11
N PRO A 451 -18.92 -8.05 2.50
CA PRO A 451 -18.82 -9.29 3.26
C PRO A 451 -17.84 -10.29 2.70
N ASN A 452 -17.12 -10.99 3.55
CA ASN A 452 -16.08 -11.90 3.11
C ASN A 452 -15.73 -12.97 4.12
N GLY A 453 -15.00 -13.98 3.69
CA GLY A 453 -14.55 -15.05 4.62
C GLY A 453 -13.67 -14.64 5.82
N HIS A 454 -12.98 -13.51 5.72
CA HIS A 454 -12.14 -13.05 6.83
C HIS A 454 -12.83 -12.06 7.72
N GLY A 455 -14.06 -11.64 7.43
CA GLY A 455 -14.78 -10.70 8.28
C GLY A 455 -14.18 -9.28 8.39
N TYR A 456 -13.31 -8.92 7.45
CA TYR A 456 -12.61 -7.66 7.55
C TYR A 456 -13.25 -6.53 6.70
N ARG A 457 -13.52 -5.38 7.31
CA ARG A 457 -14.31 -4.35 6.67
C ARG A 457 -13.65 -2.99 6.76
N ARG A 458 -13.94 -2.09 5.85
CA ARG A 458 -13.40 -0.75 5.98
C ARG A 458 -14.58 0.15 5.90
N GLU A 459 -14.48 1.28 6.54
CA GLU A 459 -15.48 2.30 6.31
C GLU A 459 -15.52 2.75 4.86
N GLU A 460 -16.64 3.32 4.46
CA GLU A 460 -16.85 3.84 3.10
C GLU A 460 -17.99 4.84 3.15
N SER A 461 -17.83 5.93 2.41
CA SER A 461 -18.92 6.85 2.11
C SER A 461 -19.50 7.53 3.32
N MET A 462 -18.74 7.65 4.41
N MET A 462 -18.70 7.65 4.38
CA MET A 462 -19.30 8.26 5.63
CA MET A 462 -19.10 8.28 5.65
C MET A 462 -19.72 9.72 5.42
C MET A 462 -19.68 9.68 5.42
N ASP A 463 -19.12 10.42 4.46
CA ASP A 463 -19.60 11.77 4.09
C ASP A 463 -21.14 11.86 3.87
N ILE A 464 -21.68 11.04 2.97
CA ILE A 464 -23.08 11.13 2.58
C ILE A 464 -23.89 10.17 3.45
N GLN A 465 -23.21 9.43 4.31
CA GLN A 465 -23.90 8.40 5.08
C GLN A 465 -24.96 8.92 6.05
N PRO A 466 -24.71 10.07 6.74
CA PRO A 466 -25.76 10.50 7.66
C PRO A 466 -27.06 10.85 6.89
N ALA A 467 -26.94 11.70 5.86
CA ALA A 467 -28.04 12.05 4.93
C ALA A 467 -28.77 10.83 4.31
N ALA A 468 -28.04 9.79 3.99
CA ALA A 468 -28.64 8.62 3.43
C ALA A 468 -29.43 7.87 4.47
N GLU A 469 -28.93 7.82 5.70
CA GLU A 469 -29.61 7.04 6.74
C GLU A 469 -30.94 7.67 7.10
N ARG A 470 -30.99 9.01 7.15
CA ARG A 470 -32.21 9.75 7.47
C ARG A 470 -33.26 9.57 6.36
N PHE A 471 -32.85 9.93 5.15
CA PHE A 471 -33.71 9.93 3.98
C PHE A 471 -34.36 8.58 3.82
N LEU A 472 -33.59 7.51 4.01
CA LEU A 472 -34.16 6.17 3.97
C LEU A 472 -35.17 5.95 5.10
N LYS A 473 -34.77 6.33 6.32
CA LYS A 473 -35.63 6.20 7.53
C LYS A 473 -37.06 6.67 7.25
N ALA A 474 -37.15 7.94 6.85
CA ALA A 474 -38.40 8.61 6.49
C ALA A 474 -39.41 7.74 5.70
N PHE A 475 -38.91 7.02 4.70
CA PHE A 475 -39.71 6.21 3.78
C PHE A 475 -40.26 4.90 4.33
N LYS A 476 -39.38 4.06 4.87
CA LYS A 476 -39.76 2.70 5.30
C LYS A 476 -40.76 2.66 6.47
N GLU A 477 -40.98 3.80 7.14
CA GLU A 477 -42.05 3.92 8.14
C GLU A 477 -43.22 4.82 7.67
N GLY A 478 -42.92 5.81 6.83
CA GLY A 478 -43.98 6.59 6.16
C GLY A 478 -43.82 8.11 6.15
N LYS A 479 -43.14 8.66 7.14
CA LYS A 479 -43.04 10.12 7.29
C LYS A 479 -42.31 10.83 6.12
N ASN A 480 -42.30 12.16 6.10
CA ASN A 480 -41.67 12.94 5.02
C ASN A 480 -40.14 12.80 4.94
N TYR A 481 -39.58 13.03 3.77
CA TYR A 481 -38.11 13.07 3.62
C TYR A 481 -37.62 14.52 3.63
N ASP A 482 -36.45 14.77 4.23
CA ASP A 482 -35.96 16.15 4.30
C ASP A 482 -35.38 16.65 2.97
N LYS A 483 -35.75 17.85 2.58
CA LYS A 483 -35.29 18.42 1.31
C LYS A 483 -33.75 18.55 1.23
N ALA A 484 -33.13 18.79 2.39
CA ALA A 484 -31.67 18.94 2.43
C ALA A 484 -30.99 17.61 2.13
N ASP A 485 -31.47 16.53 2.74
CA ASP A 485 -30.93 15.20 2.51
C ASP A 485 -31.03 14.86 1.01
N PHE A 486 -32.18 15.16 0.43
CA PHE A 486 -32.47 14.80 -0.93
C PHE A 486 -31.49 15.51 -1.89
N GLU A 487 -31.23 16.80 -1.62
CA GLU A 487 -30.38 17.65 -2.48
C GLU A 487 -28.92 17.18 -2.41
N THR A 488 -28.57 16.60 -1.26
CA THR A 488 -27.22 16.13 -1.02
C THR A 488 -26.99 14.83 -1.76
N LEU A 489 -27.97 13.95 -1.68
CA LEU A 489 -27.91 12.71 -2.43
C LEU A 489 -27.77 13.02 -3.92
N GLN A 490 -28.54 13.97 -4.38
CA GLN A 490 -28.46 14.39 -5.73
C GLN A 490 -27.16 15.08 -6.08
N TYR A 491 -26.58 15.82 -5.14
CA TYR A 491 -25.24 16.45 -5.34
C TYR A 491 -24.09 15.38 -5.41
N THR A 492 -24.20 14.34 -4.58
CA THR A 492 -23.33 13.21 -4.62
C THR A 492 -23.30 12.56 -6.03
N PHE A 493 -24.47 12.11 -6.50
CA PHE A 493 -24.61 11.48 -7.79
C PHE A 493 -23.99 12.33 -8.89
N GLU A 494 -24.25 13.63 -8.88
CA GLU A 494 -23.73 14.49 -9.92
C GLU A 494 -22.22 14.60 -9.92
N ARG A 495 -21.63 14.42 -8.74
CA ARG A 495 -20.20 14.62 -8.57
C ARG A 495 -19.48 13.30 -8.92
N MET A 496 -20.10 12.20 -8.53
CA MET A 496 -19.70 10.88 -9.01
C MET A 496 -19.60 10.84 -10.53
N LYS A 497 -20.61 11.41 -11.20
CA LYS A 497 -20.59 11.45 -12.66
C LYS A 497 -19.45 12.27 -13.24
N GLU A 498 -19.24 13.51 -12.80
CA GLU A 498 -18.12 14.32 -13.35
C GLU A 498 -16.79 13.58 -13.09
N SER A 499 -16.70 12.91 -11.95
CA SER A 499 -15.43 12.33 -11.55
C SER A 499 -15.15 11.15 -12.42
N ALA A 500 -16.20 10.34 -12.67
CA ALA A 500 -16.03 9.19 -13.54
C ALA A 500 -15.58 9.66 -14.92
N ASP A 501 -16.22 10.65 -15.49
CA ASP A 501 -15.87 11.07 -16.85
C ASP A 501 -14.49 11.70 -16.95
N ILE A 502 -14.11 12.50 -15.96
CA ILE A 502 -12.77 13.07 -15.88
C ILE A 502 -11.68 12.01 -15.72
N LEU A 503 -11.89 11.04 -14.84
CA LEU A 503 -10.91 9.99 -14.68
C LEU A 503 -10.68 9.14 -15.95
N LEU A 504 -11.75 8.65 -16.59
CA LEU A 504 -11.62 7.85 -17.82
C LEU A 504 -10.69 8.49 -18.87
N MET A 505 -10.66 9.82 -18.95
CA MET A 505 -9.94 10.51 -20.04
C MET A 505 -8.57 11.07 -19.60
N ASN A 506 -8.20 10.81 -18.35
CA ASN A 506 -7.00 11.40 -17.81
C ASN A 506 -5.81 10.69 -18.41
N THR A 507 -4.89 11.44 -18.99
CA THR A 507 -3.70 10.82 -19.56
C THR A 507 -2.47 11.04 -18.70
N GLU A 508 -2.61 11.61 -17.51
CA GLU A 508 -1.41 11.90 -16.75
C GLU A 508 -0.81 10.61 -16.19
N ASN A 509 -1.67 9.67 -15.82
CA ASN A 509 -1.24 8.35 -15.28
C ASN A 509 -2.14 7.27 -15.93
N LYS A 510 -1.83 6.94 -17.17
CA LYS A 510 -2.61 6.00 -17.94
C LYS A 510 -2.71 4.63 -17.27
N PRO A 511 -1.61 4.17 -16.70
CA PRO A 511 -1.62 2.84 -16.11
C PRO A 511 -2.61 2.74 -14.96
N LEU A 512 -2.70 3.76 -14.13
CA LEU A 512 -3.71 3.77 -13.09
C LEU A 512 -5.10 3.71 -13.71
N ILE A 513 -5.34 4.50 -14.75
CA ILE A 513 -6.64 4.51 -15.39
C ILE A 513 -7.02 3.14 -16.04
N VAL A 514 -6.05 2.44 -16.63
CA VAL A 514 -6.34 1.11 -17.15
C VAL A 514 -6.81 0.22 -16.00
N GLU A 515 -6.12 0.24 -14.88
CA GLU A 515 -6.48 -0.63 -13.75
C GLU A 515 -7.93 -0.45 -13.34
N ILE A 516 -8.35 0.80 -13.18
CA ILE A 516 -9.60 1.13 -12.52
C ILE A 516 -10.77 1.34 -13.48
N THR A 517 -10.53 1.24 -14.76
CA THR A 517 -11.58 1.57 -15.73
C THR A 517 -12.90 0.80 -15.58
N PRO A 518 -12.86 -0.51 -15.46
CA PRO A 518 -14.09 -1.26 -15.25
C PRO A 518 -14.87 -0.71 -14.08
N TRP A 519 -14.19 -0.38 -12.99
CA TRP A 519 -14.90 0.21 -11.81
C TRP A 519 -15.36 1.61 -12.03
N VAL A 520 -14.57 2.36 -12.78
CA VAL A 520 -15.03 3.71 -13.17
C VAL A 520 -16.36 3.58 -13.92
N HIS A 521 -16.47 2.64 -14.88
CA HIS A 521 -17.79 2.42 -15.55
C HIS A 521 -18.86 2.08 -14.58
N GLN A 522 -18.65 1.09 -13.73
CA GLN A 522 -19.67 0.72 -12.76
C GLN A 522 -20.12 1.89 -11.88
N PHE A 523 -19.16 2.72 -11.53
CA PHE A 523 -19.37 3.86 -10.70
C PHE A 523 -20.20 4.93 -11.42
N LYS A 524 -19.93 5.15 -12.69
CA LYS A 524 -20.73 6.10 -13.40
C LYS A 524 -22.19 5.65 -13.43
N LEU A 525 -22.39 4.35 -13.64
CA LEU A 525 -23.73 3.79 -13.83
C LEU A 525 -24.53 3.82 -12.54
N THR A 526 -23.87 3.42 -11.45
CA THR A 526 -24.42 3.58 -10.11
C THR A 526 -24.93 5.00 -9.90
N ALA A 527 -24.17 6.00 -10.29
CA ALA A 527 -24.62 7.39 -10.06
C ALA A 527 -25.79 7.81 -10.96
N GLU A 528 -25.79 7.35 -12.22
CA GLU A 528 -26.88 7.58 -13.16
C GLU A 528 -28.15 6.85 -12.61
N MET A 529 -28.01 5.62 -12.15
CA MET A 529 -29.13 4.97 -11.53
C MET A 529 -29.72 5.79 -10.37
N GLY A 530 -28.85 6.38 -9.54
CA GLY A 530 -29.27 7.13 -8.37
C GLY A 530 -30.02 8.39 -8.75
N GLU A 531 -29.57 9.10 -9.78
CA GLU A 531 -30.29 10.28 -10.28
C GLU A 531 -31.70 9.96 -10.83
N GLU A 532 -31.82 8.76 -11.41
CA GLU A 532 -33.06 8.32 -12.00
C GLU A 532 -34.00 7.79 -10.91
N VAL A 533 -33.43 7.10 -9.93
CA VAL A 533 -34.24 6.70 -8.78
C VAL A 533 -34.78 7.92 -7.96
N LEU A 534 -33.98 8.99 -7.85
CA LEU A 534 -34.48 10.17 -7.16
C LEU A 534 -35.62 10.84 -7.95
N LYS A 535 -35.52 10.84 -9.28
CA LYS A 535 -36.54 11.51 -10.12
C LYS A 535 -37.88 10.80 -10.01
N MET A 536 -37.84 9.50 -9.79
CA MET A 536 -38.99 8.74 -9.40
C MET A 536 -39.59 9.15 -8.06
N VAL A 537 -38.78 9.70 -7.17
CA VAL A 537 -39.25 10.14 -5.85
C VAL A 537 -39.94 11.55 -5.93
N GLU A 538 -39.66 12.31 -6.96
CA GLU A 538 -40.41 13.52 -7.27
C GLU A 538 -41.52 13.32 -8.30
N ARG A 540 -44.25 12.54 -9.72
CA ARG A 540 -44.66 13.68 -10.53
C ARG A 540 -45.98 13.39 -11.27
N ASN A 541 -45.88 12.68 -12.40
CA ASN A 541 -47.03 12.17 -13.14
C ASN A 541 -46.75 10.71 -13.48
N GLU A 542 -47.79 9.97 -13.82
CA GLU A 542 -47.69 8.52 -13.98
C GLU A 542 -46.74 8.03 -15.09
N SER A 543 -46.74 8.69 -16.24
CA SER A 543 -45.94 8.19 -17.37
C SER A 543 -44.47 8.65 -17.28
N TYR A 544 -44.21 9.68 -16.47
CA TYR A 544 -42.84 10.06 -16.16
C TYR A 544 -42.28 8.94 -15.29
N PHE A 545 -42.98 8.62 -14.22
CA PHE A 545 -42.53 7.55 -13.34
C PHE A 545 -42.20 6.28 -14.13
N LEU A 546 -42.98 6.01 -15.17
CA LEU A 546 -42.76 4.82 -15.98
C LEU A 546 -41.55 4.93 -16.90
N ARG A 547 -41.35 6.08 -17.53
CA ARG A 547 -40.14 6.31 -18.28
C ARG A 547 -38.89 6.08 -17.38
N LYS A 548 -38.86 6.77 -16.23
CA LYS A 548 -37.76 6.64 -15.24
C LYS A 548 -37.57 5.20 -14.79
N TYR A 549 -38.67 4.47 -14.62
CA TYR A 549 -38.61 3.11 -14.14
C TYR A 549 -38.01 2.20 -15.21
N ASN A 550 -38.27 2.53 -16.47
CA ASN A 550 -37.72 1.74 -17.56
C ASN A 550 -36.25 2.05 -17.80
N HIS A 551 -35.90 3.33 -17.68
CA HIS A 551 -34.53 3.78 -17.65
C HIS A 551 -33.72 3.08 -16.56
N VAL A 552 -34.27 3.02 -15.35
CA VAL A 552 -33.59 2.34 -14.27
C VAL A 552 -33.33 0.92 -14.63
N LYS A 553 -34.34 0.20 -15.13
CA LYS A 553 -34.17 -1.25 -15.48
C LYS A 553 -33.06 -1.47 -16.50
N ALA A 554 -32.90 -0.53 -17.42
CA ALA A 554 -31.85 -0.59 -18.47
C ALA A 554 -30.46 -0.33 -17.89
N LEU A 555 -30.37 0.64 -16.98
CA LEU A 555 -29.19 0.88 -16.16
C LEU A 555 -28.81 -0.34 -15.31
N GLN A 556 -29.79 -0.99 -14.63
CA GLN A 556 -29.50 -2.27 -13.90
C GLN A 556 -28.81 -3.25 -14.83
N GLN A 557 -29.37 -3.42 -16.03
CA GLN A 557 -28.83 -4.41 -16.92
C GLN A 557 -27.42 -4.07 -17.44
N GLN A 558 -27.13 -2.81 -17.71
CA GLN A 558 -25.77 -2.45 -18.07
C GLN A 558 -24.75 -2.82 -16.98
N MET A 559 -25.15 -2.65 -15.73
CA MET A 559 -24.36 -3.07 -14.58
C MET A 559 -24.17 -4.54 -14.53
N PHE A 560 -25.25 -5.32 -14.74
CA PHE A 560 -25.11 -6.76 -14.77
C PHE A 560 -24.16 -7.13 -15.90
N TYR A 561 -24.30 -6.49 -17.05
CA TYR A 561 -23.39 -6.77 -18.15
C TYR A 561 -21.91 -6.59 -17.77
N ILE A 562 -21.61 -5.46 -17.14
CA ILE A 562 -20.21 -5.14 -16.79
C ILE A 562 -19.76 -6.18 -15.78
N ASP A 563 -20.64 -6.47 -14.82
CA ASP A 563 -20.38 -7.51 -13.85
C ASP A 563 -20.12 -8.92 -14.42
N GLN A 564 -20.63 -9.21 -15.62
CA GLN A 564 -20.49 -10.58 -16.16
C GLN A 564 -19.35 -10.70 -17.12
N THR A 565 -18.80 -9.58 -17.57
CA THR A 565 -17.83 -9.63 -18.65
C THR A 565 -16.50 -8.98 -18.35
N SER A 566 -16.47 -8.03 -17.39
CA SER A 566 -15.20 -7.52 -16.84
C SER A 566 -14.66 -8.31 -15.68
N ASN A 567 -13.31 -8.42 -15.64
CA ASN A 567 -12.59 -8.98 -14.52
C ASN A 567 -13.22 -10.32 -14.16
N GLN A 568 -13.33 -11.20 -15.16
CA GLN A 568 -13.86 -12.53 -14.95
C GLN A 568 -12.75 -13.46 -14.48
N ASN A 569 -12.59 -13.56 -13.16
CA ASN A 569 -11.56 -14.42 -12.56
C ASN A 569 -12.28 -15.55 -11.85
N PRO A 570 -11.59 -16.67 -11.63
CA PRO A 570 -12.25 -17.87 -11.07
C PRO A 570 -12.92 -17.67 -9.70
N TYR A 571 -12.63 -16.58 -9.01
CA TYR A 571 -12.86 -16.55 -7.56
C TYR A 571 -13.90 -15.58 -7.07
N GLN A 572 -13.76 -14.28 -7.40
CA GLN A 572 -14.89 -13.37 -7.20
C GLN A 572 -14.99 -12.56 -8.49
N PRO A 573 -15.66 -13.14 -9.54
CA PRO A 573 -15.72 -12.48 -10.85
C PRO A 573 -16.50 -11.19 -10.76
N GLY A 574 -16.14 -10.19 -11.56
CA GLY A 574 -17.00 -9.01 -11.65
C GLY A 574 -16.45 -7.72 -11.05
N VAL A 575 -17.31 -6.73 -10.92
CA VAL A 575 -16.93 -5.39 -10.59
C VAL A 575 -18.01 -4.86 -9.70
N LYS A 576 -17.73 -4.70 -8.40
CA LYS A 576 -18.68 -4.06 -7.48
C LYS A 576 -18.14 -2.74 -6.97
N THR A 577 -19.03 -1.78 -6.81
CA THR A 577 -18.60 -0.45 -6.47
C THR A 577 -19.59 0.23 -5.59
N ALA A 578 -19.11 1.13 -4.73
CA ALA A 578 -19.99 1.94 -3.85
C ALA A 578 -20.97 1.08 -3.08
N THR A 579 -20.52 -0.06 -2.59
CA THR A 579 -21.45 -1.09 -2.12
C THR A 579 -21.89 -0.98 -0.66
N ARG A 580 -21.29 -0.08 0.12
CA ARG A 580 -21.49 -0.11 1.57
C ARG A 580 -22.77 0.61 1.96
N VAL A 581 -22.90 1.80 1.38
CA VAL A 581 -23.96 2.76 1.61
C VAL A 581 -24.69 3.10 0.26
N ILE A 582 -23.95 3.50 -0.81
CA ILE A 582 -24.62 4.05 -2.02
C ILE A 582 -25.56 3.10 -2.81
N LYS A 583 -25.01 1.96 -3.24
CA LYS A 583 -25.78 0.87 -3.82
C LYS A 583 -26.99 0.44 -2.95
N PRO A 584 -26.76 0.01 -1.69
CA PRO A 584 -27.97 -0.39 -0.95
C PRO A 584 -28.96 0.77 -0.79
N LEU A 585 -28.49 2.00 -0.64
CA LEU A 585 -29.44 3.12 -0.64
C LEU A 585 -30.33 3.12 -1.90
N ILE A 586 -29.73 3.00 -3.08
CA ILE A 586 -30.46 3.11 -4.33
C ILE A 586 -31.42 1.91 -4.51
N ASP A 587 -30.94 0.71 -4.20
CA ASP A 587 -31.71 -0.48 -4.37
C ASP A 587 -32.95 -0.44 -3.51
N ARG A 588 -32.92 0.37 -2.48
CA ARG A 588 -33.99 0.36 -1.53
C ARG A 588 -34.96 1.48 -1.76
N THR A 589 -34.45 2.63 -2.18
CA THR A 589 -35.29 3.72 -2.62
C THR A 589 -36.05 3.35 -3.92
N PHE A 590 -35.54 2.37 -4.65
CA PHE A 590 -36.19 1.93 -5.87
C PHE A 590 -37.30 0.97 -5.51
N ALA A 591 -36.99 -0.04 -4.71
CA ALA A 591 -38.00 -0.99 -4.25
C ALA A 591 -39.20 -0.34 -3.56
N THR A 592 -39.01 0.84 -3.02
CA THR A 592 -39.98 1.49 -2.17
C THR A 592 -40.89 2.40 -2.97
N VAL A 593 -40.31 3.27 -3.78
CA VAL A 593 -41.12 4.06 -4.72
C VAL A 593 -41.96 3.17 -5.68
N VAL A 594 -41.41 2.01 -6.07
CA VAL A 594 -42.11 1.05 -6.90
C VAL A 594 -43.17 0.27 -6.12
N LYS A 595 -43.05 0.26 -4.80
CA LYS A 595 -44.06 -0.38 -3.96
C LYS A 595 -45.24 0.56 -3.85
N PHE A 596 -44.97 1.78 -3.44
CA PHE A 596 -45.95 2.86 -3.42
C PHE A 596 -46.79 2.82 -4.67
N PHE A 597 -46.11 2.90 -5.82
CA PHE A 597 -46.77 2.87 -7.12
C PHE A 597 -47.65 1.63 -7.33
N ASN A 598 -47.09 0.45 -7.11
CA ASN A 598 -47.83 -0.79 -7.33
C ASN A 598 -49.17 -0.95 -6.58
N GLN A 599 -49.46 -0.01 -5.69
CA GLN A 599 -50.64 -0.09 -4.84
C GLN A 599 -51.52 1.16 -5.00
N LYS A 600 -50.87 2.29 -5.29
CA LYS A 600 -51.57 3.54 -5.59
C LYS A 600 -52.12 3.60 -7.05
N PHE A 601 -51.85 2.56 -7.83
CA PHE A 601 -52.24 2.50 -9.24
C PHE A 601 -52.52 1.05 -9.55
N ASN A 602 -52.35 0.20 -8.55
CA ASN A 602 -52.77 -1.19 -8.67
C ASN A 602 -51.93 -2.00 -9.69
N ALA A 603 -50.81 -1.45 -10.16
CA ALA A 603 -49.95 -2.15 -11.15
C ALA A 603 -49.10 -3.34 -10.63
N HIS A 604 -48.46 -4.07 -11.55
CA HIS A 604 -47.59 -5.22 -11.23
C HIS A 604 -46.12 -5.06 -11.72
N LEU A 605 -45.53 -3.88 -11.49
CA LEU A 605 -44.13 -3.61 -11.87
C LEU A 605 -43.18 -4.49 -11.09
N ASP A 606 -42.15 -5.00 -11.76
CA ASP A 606 -41.08 -5.71 -11.07
C ASP A 606 -40.28 -4.76 -10.16
N ALA A 607 -39.93 -5.23 -8.96
CA ALA A 607 -39.25 -4.38 -7.97
C ALA A 607 -37.86 -4.87 -7.52
N THR A 608 -37.38 -5.98 -8.06
CA THR A 608 -36.04 -6.50 -7.73
C THR A 608 -34.94 -5.70 -8.42
N THR A 609 -33.68 -6.06 -8.12
CA THR A 609 -32.53 -5.19 -8.45
C THR A 609 -31.25 -5.97 -8.78
#